data_5C1X
#
_entry.id   5C1X
#
_cell.length_a   64.948
_cell.length_b   64.084
_cell.length_c   76.489
_cell.angle_alpha   90.00
_cell.angle_beta   91.11
_cell.angle_gamma   90.00
#
_symmetry.space_group_name_H-M   'C 1 2 1'
#
loop_
_entity.id
_entity.type
_entity.pdbx_description
1 polymer '3C proteinase'
2 non-polymer '(phenylmethyl) N-[(2S)-1-oxidanylidene-1-[[(2S)-1-oxidanyl-3-[(3S)-2-oxidanylidenepyrrolidin-3-yl]propan-2-yl]amino]-3-phenyl-propan-2-yl]carbamate'
3 water water
#
_entity_poly.entity_id   1
_entity_poly.type   'polypeptide(L)'
_entity_poly.pdbx_seq_one_letter_code
;MGPSLDFALSLLRRNVRQVQTDQGHFTMLGVRDRLAVLPRHSQPGKTIWIEHKLVNILDAVELVDEQGVNLELTLITLDT
NEKFRDITKFIPENISTASDATLVINTEHMPSMFVPVGDVVQYGFLNLSGKPTHRTMMYNFPTKAGQCGGVVTSVGKVIG
IHIGGNGRQGFCAGLKRSYFASEQLEHHHHHH
;
_entity_poly.pdbx_strand_id   A,B
#
loop_
_chem_comp.id
_chem_comp.type
_chem_comp.name
_chem_comp.formula
GHX non-polymer '(phenylmethyl) N-[(2S)-1-oxidanylidene-1-[[(2S)-1-oxidanyl-3-[(3S)-2-oxidanylidenepyrrolidin-3-yl]propan-2-yl]amino]-3-phenyl-propan-2-yl]carbamate' 'C24 H29 N3 O5'
#
# COMPACT_ATOMS: atom_id res chain seq x y z
N MET A 1 -4.24 16.20 -3.92
CA MET A 1 -4.53 14.75 -4.15
C MET A 1 -5.79 14.54 -4.96
N GLY A 2 -5.70 13.57 -5.84
CA GLY A 2 -6.82 13.21 -6.68
C GLY A 2 -7.92 12.38 -5.98
N PRO A 3 -8.95 12.09 -6.72
CA PRO A 3 -10.13 11.48 -6.13
C PRO A 3 -10.07 10.02 -5.83
N SER A 4 -9.43 9.22 -6.70
CA SER A 4 -9.36 7.80 -6.50
C SER A 4 -8.44 7.49 -5.35
N LEU A 5 -7.34 8.21 -5.29
CA LEU A 5 -6.40 8.05 -4.18
C LEU A 5 -7.06 8.48 -2.87
N ASP A 6 -7.75 9.62 -2.93
CA ASP A 6 -8.42 10.10 -1.70
C ASP A 6 -9.47 9.09 -1.17
N PHE A 7 -10.27 8.53 -2.06
CA PHE A 7 -11.28 7.51 -1.68
C PHE A 7 -10.66 6.23 -1.07
N ALA A 8 -9.64 5.72 -1.76
CA ALA A 8 -8.95 4.51 -1.32
C ALA A 8 -8.30 4.73 0.01
N LEU A 9 -7.65 5.87 0.17
CA LEU A 9 -6.97 6.12 1.44
C LEU A 9 -7.98 6.31 2.55
N SER A 10 -9.08 6.94 2.22
CA SER A 10 -10.11 7.11 3.21
C SER A 10 -10.75 5.77 3.61
N LEU A 11 -10.93 4.87 2.66
CA LEU A 11 -11.34 3.53 3.02
C LEU A 11 -10.39 2.85 4.04
N LEU A 12 -9.11 2.96 3.79
CA LEU A 12 -8.12 2.43 4.70
C LEU A 12 -8.18 3.04 6.04
N ARG A 13 -8.37 4.34 6.10
CA ARG A 13 -8.44 5.00 7.36
C ARG A 13 -9.68 4.63 8.18
N ARG A 14 -10.82 4.56 7.53
CA ARG A 14 -12.12 4.51 8.22
C ARG A 14 -12.78 3.13 8.18
N ASN A 15 -12.48 2.30 7.17
CA ASN A 15 -13.23 1.09 6.95
C ASN A 15 -12.47 -0.24 6.78
N VAL A 16 -11.19 -0.19 6.51
CA VAL A 16 -10.46 -1.43 6.10
C VAL A 16 -9.43 -1.75 7.17
N ARG A 17 -9.63 -2.88 7.89
CA ARG A 17 -8.85 -3.21 9.08
C ARG A 17 -8.01 -4.44 9.00
N GLN A 18 -6.86 -4.41 9.71
CA GLN A 18 -5.97 -5.56 9.78
C GLN A 18 -6.54 -6.51 10.82
N VAL A 19 -6.72 -7.78 10.46
CA VAL A 19 -7.22 -8.74 11.45
C VAL A 19 -6.44 -10.03 11.37
N GLN A 20 -6.61 -10.83 12.42
CA GLN A 20 -6.00 -12.15 12.55
C GLN A 20 -7.00 -13.11 13.18
N THR A 21 -7.21 -14.23 12.53
CA THR A 21 -7.99 -15.29 13.15
C THR A 21 -7.09 -16.51 13.32
N ASP A 22 -7.65 -17.61 13.82
CA ASP A 22 -6.84 -18.82 13.91
C ASP A 22 -6.35 -19.25 12.59
N GLN A 23 -7.00 -18.78 11.50
CA GLN A 23 -6.60 -19.18 10.14
C GLN A 23 -5.54 -18.32 9.52
N GLY A 24 -5.15 -17.25 10.18
CA GLY A 24 -4.09 -16.41 9.68
C GLY A 24 -4.49 -14.92 9.59
N HIS A 25 -3.76 -14.21 8.71
CA HIS A 25 -3.98 -12.77 8.47
C HIS A 25 -4.95 -12.48 7.34
N PHE A 26 -5.89 -11.59 7.59
CA PHE A 26 -6.91 -11.13 6.62
C PHE A 26 -7.12 -9.65 6.73
N THR A 27 -7.68 -9.11 5.66
CA THR A 27 -8.22 -7.78 5.59
C THR A 27 -9.74 -7.84 5.90
N MET A 28 -10.21 -6.99 6.81
CA MET A 28 -11.65 -6.92 7.19
C MET A 28 -12.26 -5.62 6.66
N LEU A 29 -13.46 -5.70 6.09
CA LEU A 29 -14.19 -4.49 5.68
C LEU A 29 -15.29 -4.16 6.67
N GLY A 30 -15.16 -3.03 7.34
CA GLY A 30 -16.26 -2.55 8.18
C GLY A 30 -17.21 -1.75 7.33
N VAL A 31 -18.50 -2.07 7.38
CA VAL A 31 -19.47 -1.50 6.48
C VAL A 31 -20.35 -0.40 7.09
N ARG A 32 -20.91 -0.63 8.24
CA ARG A 32 -21.66 0.39 8.95
C ARG A 32 -21.84 -0.03 10.38
N ASP A 33 -22.09 0.91 11.28
CA ASP A 33 -22.39 0.52 12.64
C ASP A 33 -21.34 -0.46 13.16
N ARG A 34 -21.82 -1.61 13.69
CA ARG A 34 -20.87 -2.61 14.22
C ARG A 34 -20.72 -3.83 13.31
N LEU A 35 -21.06 -3.65 12.04
CA LEU A 35 -21.16 -4.70 11.09
C LEU A 35 -20.01 -4.69 10.11
N ALA A 36 -19.33 -5.86 10.01
CA ALA A 36 -18.20 -6.01 9.13
C ALA A 36 -18.31 -7.29 8.36
N VAL A 37 -17.46 -7.46 7.37
CA VAL A 37 -17.47 -8.65 6.58
C VAL A 37 -16.08 -9.19 6.38
N LEU A 38 -16.02 -10.52 6.30
CA LEU A 38 -14.77 -11.25 6.08
C LEU A 38 -15.00 -12.40 5.09
N PRO A 39 -13.95 -12.88 4.44
CA PRO A 39 -14.10 -14.17 3.74
C PRO A 39 -14.45 -15.31 4.70
N ARG A 40 -15.37 -16.14 4.27
CA ARG A 40 -15.85 -17.24 5.10
C ARG A 40 -14.68 -18.07 5.61
N HIS A 41 -13.74 -18.37 4.74
CA HIS A 41 -12.65 -19.33 5.16
C HIS A 41 -11.73 -18.79 6.25
N SER A 42 -11.89 -17.52 6.60
CA SER A 42 -11.15 -16.94 7.72
C SER A 42 -11.62 -17.58 9.02
N GLN A 43 -12.85 -18.12 9.02
CA GLN A 43 -13.36 -18.86 10.15
C GLN A 43 -13.22 -18.09 11.45
N PRO A 44 -13.77 -16.87 11.47
CA PRO A 44 -13.70 -16.09 12.72
C PRO A 44 -14.38 -16.86 13.84
N GLY A 45 -13.80 -16.79 15.03
CA GLY A 45 -14.33 -17.48 16.23
C GLY A 45 -15.08 -16.49 17.12
N LYS A 46 -14.99 -16.68 18.44
CA LYS A 46 -15.80 -15.86 19.38
C LYS A 46 -15.14 -14.53 19.59
N THR A 47 -13.86 -14.52 19.33
CA THR A 47 -13.09 -13.31 19.33
C THR A 47 -12.20 -13.25 18.10
N ILE A 48 -11.79 -12.04 17.78
CA ILE A 48 -10.96 -11.73 16.67
C ILE A 48 -10.01 -10.60 17.04
N TRP A 49 -8.79 -10.74 16.60
CA TRP A 49 -7.80 -9.68 16.73
C TRP A 49 -7.98 -8.62 15.63
N ILE A 50 -8.24 -7.39 16.04
CA ILE A 50 -8.46 -6.29 15.10
C ILE A 50 -7.52 -5.17 15.45
N GLU A 51 -6.53 -4.99 14.57
CA GLU A 51 -5.52 -3.91 14.70
C GLU A 51 -4.67 -4.15 15.96
N HIS A 52 -4.94 -3.46 17.07
CA HIS A 52 -4.15 -3.62 18.25
C HIS A 52 -4.86 -4.30 19.41
N LYS A 53 -6.04 -4.89 19.20
CA LYS A 53 -6.74 -5.52 20.31
C LYS A 53 -7.70 -6.62 19.96
N LEU A 54 -8.08 -7.37 20.97
CA LEU A 54 -8.98 -8.50 20.84
C LEU A 54 -10.37 -8.02 21.01
N VAL A 55 -11.21 -8.35 20.01
CA VAL A 55 -12.55 -7.84 19.91
C VAL A 55 -13.51 -9.05 19.89
N ASN A 56 -14.54 -8.95 20.71
CA ASN A 56 -15.54 -10.01 20.82
C ASN A 56 -16.50 -9.94 19.67
N ILE A 57 -16.87 -11.10 19.11
CA ILE A 57 -17.81 -11.14 18.03
C ILE A 57 -19.16 -11.63 18.58
N LEU A 58 -20.20 -10.83 18.37
CA LEU A 58 -21.49 -11.09 18.96
C LEU A 58 -22.37 -12.03 18.08
N ASP A 59 -22.11 -12.03 16.80
CA ASP A 59 -22.92 -12.80 15.84
C ASP A 59 -22.11 -12.91 14.57
N ALA A 60 -22.24 -14.06 13.92
CA ALA A 60 -21.58 -14.36 12.65
C ALA A 60 -22.62 -15.01 11.74
N VAL A 61 -22.73 -14.49 10.52
CA VAL A 61 -23.68 -15.07 9.55
C VAL A 61 -22.89 -15.43 8.29
N GLU A 62 -22.85 -16.70 7.92
CA GLU A 62 -22.21 -17.11 6.69
C GLU A 62 -23.25 -17.06 5.60
N LEU A 63 -23.00 -16.25 4.57
CA LEU A 63 -24.03 -16.01 3.54
C LEU A 63 -24.05 -17.16 2.52
N VAL A 64 -25.26 -17.55 2.13
CA VAL A 64 -25.47 -18.51 1.06
C VAL A 64 -26.53 -17.97 0.14
N ASP A 65 -26.54 -18.43 -1.10
CA ASP A 65 -27.60 -17.99 -2.03
C ASP A 65 -28.88 -18.82 -1.84
N GLU A 66 -29.83 -18.59 -2.72
CA GLU A 66 -31.18 -19.15 -2.62
C GLU A 66 -31.22 -20.66 -2.79
N GLN A 67 -30.15 -21.20 -3.35
CA GLN A 67 -30.03 -22.63 -3.54
C GLN A 67 -29.10 -23.27 -2.50
N GLY A 68 -28.71 -22.49 -1.48
CA GLY A 68 -27.90 -23.02 -0.40
C GLY A 68 -26.41 -23.08 -0.73
N VAL A 69 -26.03 -22.45 -1.83
CA VAL A 69 -24.65 -22.42 -2.27
C VAL A 69 -23.82 -21.29 -1.56
N ASN A 70 -22.66 -21.69 -1.14
CA ASN A 70 -21.66 -20.80 -0.52
C ASN A 70 -21.42 -19.51 -1.30
N LEU A 71 -21.49 -18.39 -0.57
CA LEU A 71 -21.10 -17.08 -1.11
C LEU A 71 -19.73 -16.58 -0.60
N GLU A 72 -19.20 -17.30 0.37
CA GLU A 72 -17.82 -17.14 0.86
C GLU A 72 -17.66 -15.86 1.62
N LEU A 73 -18.80 -15.37 2.16
CA LEU A 73 -18.77 -14.14 3.03
C LEU A 73 -19.35 -14.46 4.35
N THR A 74 -18.70 -13.98 5.41
CA THR A 74 -19.27 -14.02 6.75
C THR A 74 -19.50 -12.61 7.28
N LEU A 75 -20.70 -12.32 7.69
CA LEU A 75 -21.02 -11.03 8.30
C LEU A 75 -20.81 -11.19 9.77
N ILE A 76 -20.04 -10.26 10.36
CA ILE A 76 -19.80 -10.31 11.79
C ILE A 76 -20.25 -9.05 12.47
N THR A 77 -20.90 -9.20 13.59
CA THR A 77 -21.32 -8.09 14.42
C THR A 77 -20.36 -7.99 15.57
N LEU A 78 -19.73 -6.83 15.72
CA LEU A 78 -18.69 -6.66 16.73
C LEU A 78 -19.19 -5.99 18.02
N ASP A 79 -18.60 -6.38 19.14
CA ASP A 79 -18.86 -5.72 20.43
C ASP A 79 -17.86 -4.52 20.57
N THR A 80 -18.22 -3.42 20.01
CA THR A 80 -17.33 -2.27 19.98
C THR A 80 -18.16 -1.06 20.23
N ASN A 81 -17.49 0.02 20.63
CA ASN A 81 -18.06 1.37 20.71
C ASN A 81 -18.02 2.15 19.40
N GLU A 82 -17.13 1.76 18.53
CA GLU A 82 -17.07 2.37 17.18
C GLU A 82 -18.28 1.99 16.31
N LYS A 83 -18.82 2.96 15.59
CA LYS A 83 -19.68 2.72 14.45
C LYS A 83 -18.90 3.03 13.19
N PHE A 84 -18.72 2.04 12.35
CA PHE A 84 -17.98 2.27 11.13
C PHE A 84 -18.66 3.35 10.32
N ARG A 85 -17.83 4.16 9.65
CA ARG A 85 -18.38 5.10 8.69
C ARG A 85 -19.21 4.29 7.69
N ASP A 86 -20.48 4.66 7.52
CA ASP A 86 -21.39 3.88 6.72
C ASP A 86 -21.05 4.03 5.26
N ILE A 87 -20.57 2.93 4.67
CA ILE A 87 -20.23 2.92 3.23
C ILE A 87 -21.20 2.13 2.37
N THR A 88 -22.39 1.84 2.88
CA THR A 88 -23.37 1.06 2.10
C THR A 88 -23.76 1.73 0.76
N LYS A 89 -23.78 3.06 0.73
CA LYS A 89 -24.13 3.77 -0.51
C LYS A 89 -23.14 3.49 -1.63
N PHE A 90 -21.88 3.22 -1.27
CA PHE A 90 -20.83 2.88 -2.22
C PHE A 90 -20.89 1.45 -2.76
N ILE A 91 -21.69 0.61 -2.16
CA ILE A 91 -21.87 -0.76 -2.55
C ILE A 91 -23.09 -0.86 -3.51
N PRO A 92 -22.88 -1.42 -4.68
CA PRO A 92 -23.94 -1.47 -5.66
C PRO A 92 -25.08 -2.37 -5.20
N GLU A 93 -26.28 -2.08 -5.65
CA GLU A 93 -27.45 -2.88 -5.41
C GLU A 93 -27.33 -4.28 -5.97
N ASN A 94 -26.53 -4.43 -7.02
CA ASN A 94 -26.24 -5.73 -7.57
C ASN A 94 -24.81 -5.88 -7.89
N ILE A 95 -24.38 -7.14 -7.90
CA ILE A 95 -23.02 -7.43 -8.18
C ILE A 95 -22.69 -6.86 -9.53
N SER A 96 -21.66 -6.02 -9.50
CA SER A 96 -21.28 -5.23 -10.61
C SER A 96 -19.81 -5.40 -10.96
N THR A 97 -19.57 -5.54 -12.24
CA THR A 97 -18.26 -5.49 -12.85
C THR A 97 -17.61 -4.11 -12.80
N ALA A 98 -16.33 -4.03 -13.16
CA ALA A 98 -15.62 -2.74 -13.23
C ALA A 98 -14.44 -2.71 -14.15
N SER A 99 -14.00 -1.52 -14.50
CA SER A 99 -12.79 -1.36 -15.26
C SER A 99 -11.65 -0.88 -14.35
N ASP A 100 -10.48 -1.46 -14.49
CA ASP A 100 -9.31 -0.91 -13.85
C ASP A 100 -9.51 -0.72 -12.34
N ALA A 101 -9.89 -1.80 -11.72
CA ALA A 101 -10.09 -1.81 -10.26
C ALA A 101 -8.78 -1.89 -9.53
N THR A 102 -8.82 -1.48 -8.25
CA THR A 102 -7.74 -1.52 -7.35
C THR A 102 -8.22 -2.40 -6.19
N LEU A 103 -7.36 -3.33 -5.81
CA LEU A 103 -7.55 -4.18 -4.65
C LEU A 103 -6.83 -3.51 -3.50
N VAL A 104 -7.60 -3.25 -2.45
CA VAL A 104 -7.05 -2.61 -1.27
C VAL A 104 -6.91 -3.61 -0.14
N ILE A 105 -5.66 -3.80 0.26
CA ILE A 105 -5.30 -4.80 1.27
C ILE A 105 -4.73 -4.13 2.52
N ASN A 106 -5.11 -4.64 3.69
CA ASN A 106 -4.65 -4.13 4.94
C ASN A 106 -4.51 -5.24 5.98
N THR A 107 -3.28 -5.73 6.10
CA THR A 107 -2.90 -6.78 7.02
C THR A 107 -1.58 -6.39 7.72
N GLU A 108 -1.27 -7.07 8.83
CA GLU A 108 0.01 -6.83 9.52
C GLU A 108 1.16 -7.10 8.57
N HIS A 109 1.00 -8.03 7.68
CA HIS A 109 2.05 -8.38 6.72
C HIS A 109 2.08 -7.56 5.47
N MET A 110 0.91 -7.10 5.08
CA MET A 110 0.62 -6.31 3.90
C MET A 110 -0.22 -5.10 4.27
N PRO A 111 0.40 -4.20 4.99
CA PRO A 111 -0.33 -3.03 5.46
C PRO A 111 -0.51 -1.99 4.35
N SER A 112 -1.69 -1.41 4.29
CA SER A 112 -1.98 -0.27 3.39
C SER A 112 -1.49 -0.51 1.97
N MET A 113 -1.83 -1.68 1.45
CA MET A 113 -1.32 -2.13 0.16
C MET A 113 -2.36 -1.95 -0.95
N PHE A 114 -1.96 -1.33 -2.03
CA PHE A 114 -2.79 -1.06 -3.20
C PHE A 114 -2.30 -1.89 -4.37
N VAL A 115 -3.18 -2.67 -4.98
CA VAL A 115 -2.80 -3.56 -6.05
C VAL A 115 -3.70 -3.31 -7.26
N PRO A 116 -3.12 -2.92 -8.40
CA PRO A 116 -3.95 -2.66 -9.54
C PRO A 116 -4.31 -3.95 -10.19
N VAL A 117 -5.52 -4.45 -9.98
CA VAL A 117 -5.89 -5.78 -10.54
C VAL A 117 -6.47 -5.69 -11.99
N GLY A 118 -6.79 -4.52 -12.46
CA GLY A 118 -7.35 -4.41 -13.82
C GLY A 118 -8.85 -4.63 -13.84
N ASP A 119 -9.40 -4.89 -15.03
CA ASP A 119 -10.82 -5.07 -15.12
C ASP A 119 -11.31 -6.27 -14.32
N VAL A 120 -12.51 -6.12 -13.79
CA VAL A 120 -13.19 -7.12 -13.03
C VAL A 120 -14.43 -7.61 -13.73
N VAL A 121 -14.51 -8.91 -14.00
CA VAL A 121 -15.58 -9.45 -14.82
C VAL A 121 -16.45 -10.49 -14.13
N GLN A 122 -17.69 -10.66 -14.65
CA GLN A 122 -18.59 -11.60 -14.05
C GLN A 122 -18.03 -13.01 -14.15
N TYR A 123 -18.14 -13.81 -13.11
CA TYR A 123 -17.64 -15.19 -13.17
C TYR A 123 -18.67 -16.18 -12.72
N GLY A 124 -19.39 -15.85 -11.67
CA GLY A 124 -20.37 -16.76 -11.14
C GLY A 124 -19.78 -17.93 -10.42
N PHE A 125 -19.97 -19.12 -10.96
CA PHE A 125 -19.64 -20.30 -10.25
C PHE A 125 -18.13 -20.59 -10.17
N LEU A 126 -17.65 -20.91 -8.98
CA LEU A 126 -16.25 -21.24 -8.77
C LEU A 126 -16.16 -22.37 -7.76
N ASN A 127 -15.33 -23.37 -8.03
CA ASN A 127 -15.09 -24.37 -6.97
C ASN A 127 -13.73 -24.06 -6.38
N LEU A 128 -13.72 -23.59 -5.14
CA LEU A 128 -12.50 -23.15 -4.50
C LEU A 128 -12.15 -24.11 -3.38
N SER A 129 -11.00 -24.78 -3.50
CA SER A 129 -10.51 -25.68 -2.44
C SER A 129 -11.63 -26.65 -2.02
N GLY A 130 -12.33 -27.16 -3.02
CA GLY A 130 -13.44 -28.10 -2.85
C GLY A 130 -14.76 -27.55 -2.35
N LYS A 131 -14.88 -26.22 -2.29
CA LYS A 131 -16.11 -25.56 -1.88
C LYS A 131 -16.73 -24.86 -3.06
N PRO A 132 -17.87 -25.36 -3.53
CA PRO A 132 -18.53 -24.68 -4.62
C PRO A 132 -19.07 -23.37 -4.06
N THR A 133 -18.93 -22.34 -4.84
CA THR A 133 -19.14 -20.94 -4.46
C THR A 133 -19.79 -20.22 -5.65
N HIS A 134 -20.68 -19.31 -5.32
CA HIS A 134 -21.41 -18.54 -6.31
C HIS A 134 -21.16 -17.05 -6.22
N ARG A 135 -21.59 -16.32 -7.25
CA ARG A 135 -21.58 -14.87 -7.31
C ARG A 135 -20.20 -14.28 -7.21
N THR A 136 -19.22 -15.03 -7.74
CA THR A 136 -17.84 -14.55 -7.84
C THR A 136 -17.62 -13.72 -9.09
N MET A 137 -16.60 -12.88 -8.98
CA MET A 137 -16.05 -12.17 -10.11
C MET A 137 -14.52 -12.40 -10.21
N MET A 138 -13.96 -12.04 -11.35
CA MET A 138 -12.58 -12.42 -11.68
C MET A 138 -11.74 -11.28 -12.21
N TYR A 139 -10.45 -11.29 -11.87
CA TYR A 139 -9.50 -10.32 -12.42
C TYR A 139 -8.24 -11.02 -12.87
N ASN A 140 -7.66 -10.56 -13.97
CA ASN A 140 -6.47 -11.24 -14.51
C ASN A 140 -5.20 -10.73 -13.85
N PHE A 141 -5.05 -11.07 -12.57
CA PHE A 141 -3.90 -10.64 -11.80
C PHE A 141 -3.50 -11.77 -10.88
N PRO A 142 -2.18 -12.01 -10.68
CA PRO A 142 -1.76 -13.15 -9.87
C PRO A 142 -1.75 -12.85 -8.38
N THR A 143 -2.94 -12.80 -7.78
CA THR A 143 -3.07 -12.56 -6.35
C THR A 143 -2.43 -13.66 -5.55
N LYS A 144 -2.10 -13.35 -4.30
CA LYS A 144 -1.33 -14.28 -3.46
C LYS A 144 -1.96 -14.56 -2.10
N ALA A 145 -1.46 -15.60 -1.45
CA ALA A 145 -1.88 -15.91 -0.10
C ALA A 145 -1.65 -14.64 0.75
N GLY A 146 -2.53 -14.40 1.69
CA GLY A 146 -2.41 -13.25 2.59
C GLY A 146 -3.24 -12.05 2.18
N GLN A 147 -3.81 -12.11 0.98
CA GLN A 147 -4.55 -11.01 0.39
C GLN A 147 -6.11 -11.21 0.49
N CYS A 148 -6.56 -12.28 1.11
CA CYS A 148 -8.02 -12.51 1.23
C CYS A 148 -8.64 -11.49 2.18
N GLY A 149 -9.82 -11.04 1.80
CA GLY A 149 -10.53 -9.94 2.48
C GLY A 149 -10.24 -8.60 1.89
N GLY A 150 -9.21 -8.55 1.03
CA GLY A 150 -8.89 -7.33 0.31
C GLY A 150 -10.08 -6.81 -0.44
N VAL A 151 -10.22 -5.48 -0.46
CA VAL A 151 -11.45 -4.85 -0.98
C VAL A 151 -11.28 -4.40 -2.41
N VAL A 152 -12.11 -4.93 -3.27
CA VAL A 152 -12.09 -4.58 -4.67
C VAL A 152 -12.84 -3.25 -4.89
N THR A 153 -12.14 -2.24 -5.37
CA THR A 153 -12.74 -0.90 -5.52
C THR A 153 -12.47 -0.26 -6.89
N SER A 154 -13.45 0.49 -7.40
CA SER A 154 -13.26 1.27 -8.64
C SER A 154 -14.21 2.47 -8.69
N VAL A 155 -13.66 3.64 -8.95
CA VAL A 155 -14.44 4.87 -9.15
C VAL A 155 -15.49 5.14 -8.06
N GLY A 156 -15.09 5.02 -6.79
CA GLY A 156 -15.95 5.33 -5.66
C GLY A 156 -16.95 4.23 -5.32
N LYS A 157 -16.76 3.04 -5.86
CA LYS A 157 -17.56 1.88 -5.57
C LYS A 157 -16.77 0.78 -4.92
N VAL A 158 -17.48 0.03 -4.11
CA VAL A 158 -16.90 -1.08 -3.35
C VAL A 158 -17.63 -2.32 -3.77
N ILE A 159 -16.98 -3.15 -4.59
CA ILE A 159 -17.69 -4.19 -5.38
C ILE A 159 -17.40 -5.67 -5.05
N GLY A 160 -16.31 -5.95 -4.35
CA GLY A 160 -16.07 -7.30 -3.93
C GLY A 160 -15.07 -7.45 -2.82
N ILE A 161 -14.95 -8.68 -2.34
CA ILE A 161 -13.99 -9.08 -1.32
C ILE A 161 -13.13 -10.26 -1.84
N HIS A 162 -11.84 -10.09 -1.82
CA HIS A 162 -10.93 -11.10 -2.32
C HIS A 162 -11.00 -12.40 -1.56
N ILE A 163 -11.20 -13.48 -2.31
CA ILE A 163 -11.38 -14.81 -1.75
C ILE A 163 -10.46 -15.95 -2.28
N GLY A 164 -9.82 -15.77 -3.42
CA GLY A 164 -8.95 -16.82 -3.92
C GLY A 164 -8.27 -16.50 -5.17
N GLY A 165 -7.48 -17.45 -5.67
CA GLY A 165 -6.70 -17.18 -6.86
C GLY A 165 -6.01 -18.44 -7.31
N ASN A 166 -5.66 -18.51 -8.60
CA ASN A 166 -5.13 -19.77 -9.16
C ASN A 166 -3.69 -19.62 -9.65
N GLY A 167 -3.12 -18.48 -9.30
CA GLY A 167 -1.73 -18.17 -9.56
C GLY A 167 -1.58 -17.23 -10.71
N ARG A 168 -2.63 -17.11 -11.52
CA ARG A 168 -2.65 -16.25 -12.69
C ARG A 168 -3.76 -15.24 -12.58
N GLN A 169 -4.85 -15.67 -11.98
CA GLN A 169 -6.05 -14.87 -11.86
C GLN A 169 -6.53 -14.91 -10.40
N GLY A 170 -7.30 -13.89 -10.03
CA GLY A 170 -7.88 -13.77 -8.70
C GLY A 170 -9.37 -13.66 -8.76
N PHE A 171 -10.03 -13.99 -7.65
CA PHE A 171 -11.46 -14.05 -7.59
C PHE A 171 -11.96 -13.39 -6.34
N CYS A 172 -13.06 -12.66 -6.44
CA CYS A 172 -13.73 -12.04 -5.29
C CYS A 172 -15.15 -12.55 -5.16
N ALA A 173 -15.65 -12.52 -3.94
CA ALA A 173 -17.07 -12.66 -3.70
C ALA A 173 -17.66 -11.30 -3.98
N GLY A 174 -18.69 -11.27 -4.82
CA GLY A 174 -19.28 -9.99 -5.24
C GLY A 174 -20.06 -9.40 -4.06
N LEU A 175 -20.06 -8.07 -3.93
CA LEU A 175 -20.88 -7.40 -2.94
C LEU A 175 -22.15 -6.76 -3.49
N LYS A 176 -23.20 -6.89 -2.71
CA LYS A 176 -24.43 -6.18 -2.99
C LYS A 176 -24.98 -5.57 -1.72
N ARG A 177 -25.63 -4.44 -1.91
CA ARG A 177 -26.03 -3.60 -0.79
C ARG A 177 -26.93 -4.35 0.15
N SER A 178 -27.79 -5.22 -0.37
CA SER A 178 -28.74 -5.88 0.50
C SER A 178 -28.14 -6.75 1.58
N TYR A 179 -26.93 -7.28 1.35
CA TYR A 179 -26.27 -8.07 2.34
C TYR A 179 -26.14 -7.38 3.66
N PHE A 180 -26.03 -6.06 3.58
CA PHE A 180 -25.78 -5.20 4.73
C PHE A 180 -26.98 -4.36 5.22
N ALA A 181 -28.12 -4.51 4.57
CA ALA A 181 -29.35 -3.91 5.03
C ALA A 181 -29.65 -4.43 6.46
N MET B 1 -9.95 4.59 -13.04
CA MET B 1 -8.98 5.11 -12.04
C MET B 1 -8.61 6.55 -12.24
N GLY B 2 -8.52 7.26 -11.13
CA GLY B 2 -8.08 8.62 -11.13
C GLY B 2 -6.57 8.89 -11.30
N PRO B 3 -6.21 10.16 -11.37
CA PRO B 3 -4.86 10.55 -11.80
C PRO B 3 -3.76 10.38 -10.77
N SER B 4 -4.09 10.63 -9.52
CA SER B 4 -3.11 10.57 -8.44
C SER B 4 -2.77 9.15 -8.17
N LEU B 5 -3.79 8.32 -8.10
CA LEU B 5 -3.58 6.89 -7.88
C LEU B 5 -2.77 6.33 -9.06
N ASP B 6 -3.15 6.72 -10.26
CA ASP B 6 -2.48 6.20 -11.46
C ASP B 6 -1.00 6.51 -11.45
N PHE B 7 -0.66 7.74 -11.07
CA PHE B 7 0.73 8.21 -11.01
C PHE B 7 1.54 7.40 -10.01
N ALA B 8 0.96 7.19 -8.82
CA ALA B 8 1.66 6.49 -7.75
C ALA B 8 1.83 5.01 -8.09
N LEU B 9 0.81 4.38 -8.69
CA LEU B 9 0.91 2.99 -9.08
C LEU B 9 1.95 2.79 -10.16
N SER B 10 1.96 3.73 -11.09
CA SER B 10 2.99 3.75 -12.13
C SER B 10 4.42 3.90 -11.58
N LEU B 11 4.61 4.83 -10.68
CA LEU B 11 5.91 4.89 -9.96
C LEU B 11 6.32 3.53 -9.39
N LEU B 12 5.40 2.85 -8.73
CA LEU B 12 5.61 1.55 -8.15
C LEU B 12 5.99 0.50 -9.16
N ARG B 13 5.38 0.53 -10.30
CA ARG B 13 5.67 -0.42 -11.34
C ARG B 13 7.02 -0.17 -11.99
N ARG B 14 7.30 1.09 -12.20
CA ARG B 14 8.41 1.47 -13.07
C ARG B 14 9.71 1.97 -12.37
N ASN B 15 9.57 2.58 -11.21
CA ASN B 15 10.71 3.28 -10.56
C ASN B 15 10.99 2.93 -9.10
N VAL B 16 10.02 2.38 -8.40
CA VAL B 16 10.14 2.28 -6.91
C VAL B 16 10.32 0.82 -6.59
N ARG B 17 11.55 0.45 -6.22
CA ARG B 17 11.96 -0.95 -6.09
C ARG B 17 12.24 -1.40 -4.67
N GLN B 18 11.92 -2.68 -4.46
CA GLN B 18 12.18 -3.42 -3.19
C GLN B 18 13.60 -3.84 -3.16
N VAL B 19 14.35 -3.41 -2.14
CA VAL B 19 15.77 -3.75 -2.07
C VAL B 19 16.16 -4.20 -0.69
N GLN B 20 17.33 -4.82 -0.62
CA GLN B 20 17.91 -5.25 0.62
C GLN B 20 19.39 -5.02 0.61
N THR B 21 19.89 -4.39 1.64
CA THR B 21 21.33 -4.27 1.85
C THR B 21 21.67 -5.03 3.11
N ASP B 22 22.95 -4.95 3.50
CA ASP B 22 23.36 -5.57 4.75
C ASP B 22 22.66 -4.91 5.91
N GLN B 23 22.13 -3.71 5.71
CA GLN B 23 21.36 -2.99 6.81
C GLN B 23 19.87 -3.32 6.90
N GLY B 24 19.38 -4.13 5.96
CA GLY B 24 17.99 -4.57 5.94
C GLY B 24 17.22 -4.09 4.71
N HIS B 25 15.92 -3.99 4.90
CA HIS B 25 14.96 -3.67 3.83
C HIS B 25 14.74 -2.20 3.64
N PHE B 26 14.81 -1.78 2.39
CA PHE B 26 14.62 -0.37 2.00
C PHE B 26 13.85 -0.30 0.71
N THR B 27 13.30 0.85 0.47
CA THR B 27 12.70 1.24 -0.82
C THR B 27 13.73 2.07 -1.58
N MET B 28 13.91 1.76 -2.86
CA MET B 28 14.90 2.40 -3.74
C MET B 28 14.18 3.11 -4.87
N LEU B 29 14.53 4.38 -5.11
CA LEU B 29 14.00 5.12 -6.23
C LEU B 29 14.98 5.07 -7.41
N GLY B 30 14.59 4.46 -8.49
CA GLY B 30 15.35 4.58 -9.74
C GLY B 30 14.95 5.88 -10.48
N VAL B 31 15.93 6.70 -10.79
CA VAL B 31 15.62 8.02 -11.35
C VAL B 31 15.72 8.15 -12.83
N ARG B 32 16.81 7.70 -13.40
CA ARG B 32 16.97 7.66 -14.88
C ARG B 32 18.14 6.75 -15.21
N ASP B 33 18.23 6.30 -16.46
CA ASP B 33 19.42 5.57 -16.91
C ASP B 33 19.70 4.44 -15.93
N ARG B 34 20.91 4.37 -15.37
CA ARG B 34 21.19 3.37 -14.35
C ARG B 34 21.40 3.95 -12.97
N LEU B 35 20.79 5.09 -12.75
CA LEU B 35 21.05 5.90 -11.54
C LEU B 35 19.86 5.78 -10.61
N ALA B 36 20.11 5.38 -9.36
CA ALA B 36 19.09 5.32 -8.31
C ALA B 36 19.56 6.03 -7.05
N VAL B 37 18.65 6.21 -6.11
CA VAL B 37 18.95 6.82 -4.89
C VAL B 37 18.41 6.04 -3.73
N LEU B 38 19.17 6.08 -2.65
CA LEU B 38 18.82 5.43 -1.39
C LEU B 38 19.14 6.36 -0.22
N PRO B 39 18.52 6.10 0.93
CA PRO B 39 19.02 6.75 2.14
C PRO B 39 20.40 6.30 2.43
N ARG B 40 21.25 7.25 2.81
CA ARG B 40 22.65 6.96 3.10
C ARG B 40 22.83 5.81 4.11
N HIS B 41 22.02 5.82 5.17
CA HIS B 41 22.18 4.83 6.24
C HIS B 41 21.87 3.39 5.83
N SER B 42 21.36 3.21 4.62
CA SER B 42 21.20 1.88 4.05
C SER B 42 22.56 1.25 3.71
N GLN B 43 23.58 2.09 3.55
CA GLN B 43 24.97 1.63 3.42
C GLN B 43 25.15 0.57 2.36
N PRO B 44 24.75 0.91 1.13
CA PRO B 44 24.88 -0.11 0.05
C PRO B 44 26.33 -0.48 -0.16
N GLY B 45 26.56 -1.76 -0.45
CA GLY B 45 27.93 -2.33 -0.65
C GLY B 45 28.26 -2.45 -2.11
N LYS B 46 28.96 -3.52 -2.47
CA LYS B 46 29.38 -3.70 -3.87
C LYS B 46 28.26 -4.28 -4.70
N THR B 47 27.31 -4.86 -4.04
CA THR B 47 26.14 -5.42 -4.66
C THR B 47 24.93 -5.05 -3.82
N ILE B 48 23.78 -5.11 -4.43
CA ILE B 48 22.53 -4.93 -3.71
C ILE B 48 21.49 -5.89 -4.24
N TRP B 49 20.64 -6.36 -3.38
CA TRP B 49 19.53 -7.17 -3.82
C TRP B 49 18.38 -6.29 -4.28
N ILE B 50 17.99 -6.47 -5.53
CA ILE B 50 16.89 -5.68 -6.07
C ILE B 50 15.79 -6.62 -6.52
N GLU B 51 14.74 -6.67 -5.71
CA GLU B 51 13.53 -7.44 -5.96
C GLU B 51 13.67 -8.95 -6.05
N HIS B 52 14.35 -9.41 -7.06
CA HIS B 52 14.52 -10.87 -7.30
C HIS B 52 15.97 -11.31 -7.59
N LYS B 53 16.90 -10.38 -7.68
CA LYS B 53 18.25 -10.74 -7.99
C LYS B 53 19.30 -9.77 -7.45
N LEU B 54 20.52 -10.24 -7.41
CA LEU B 54 21.63 -9.48 -6.90
C LEU B 54 22.15 -8.64 -8.08
N VAL B 55 22.29 -7.34 -7.85
CA VAL B 55 22.73 -6.39 -8.86
C VAL B 55 24.03 -5.71 -8.36
N ASN B 56 25.01 -5.61 -9.27
CA ASN B 56 26.32 -5.02 -8.97
C ASN B 56 26.25 -3.49 -8.97
N ILE B 57 26.82 -2.88 -7.97
CA ILE B 57 26.87 -1.42 -7.88
C ILE B 57 28.21 -0.94 -8.40
N LEU B 58 28.19 -0.12 -9.43
CA LEU B 58 29.43 0.40 -10.08
C LEU B 58 30.07 1.64 -9.40
N ASP B 59 29.27 2.41 -8.69
CA ASP B 59 29.67 3.65 -8.05
C ASP B 59 28.58 4.06 -7.07
N ALA B 60 29.01 4.68 -5.96
CA ALA B 60 28.11 5.21 -4.91
C ALA B 60 28.69 6.54 -4.49
N VAL B 61 27.81 7.52 -4.45
CA VAL B 61 28.16 8.88 -4.06
C VAL B 61 27.25 9.26 -2.88
N GLU B 62 27.87 9.47 -1.70
CA GLU B 62 27.12 9.98 -0.53
C GLU B 62 27.06 11.49 -0.54
N LEU B 63 25.87 12.05 -0.77
CA LEU B 63 25.72 13.51 -0.99
C LEU B 63 25.93 14.33 0.30
N VAL B 64 26.73 15.36 0.17
CA VAL B 64 26.92 16.31 1.27
C VAL B 64 26.74 17.71 0.71
N ASP B 65 26.41 18.65 1.57
CA ASP B 65 26.23 20.02 1.10
C ASP B 65 27.59 20.75 1.08
N GLU B 66 27.55 22.05 0.80
CA GLU B 66 28.76 22.82 0.59
C GLU B 66 29.60 22.97 1.84
N GLN B 67 28.97 22.85 3.02
CA GLN B 67 29.67 22.91 4.29
C GLN B 67 30.16 21.53 4.71
N GLY B 68 29.98 20.54 3.84
CA GLY B 68 30.35 19.17 4.16
C GLY B 68 29.36 18.40 5.01
N VAL B 69 28.16 18.95 5.17
CA VAL B 69 27.19 18.35 6.07
C VAL B 69 26.27 17.30 5.31
N ASN B 70 26.06 16.20 6.00
CA ASN B 70 25.24 15.06 5.50
C ASN B 70 23.90 15.47 4.92
N LEU B 71 23.60 15.02 3.71
CA LEU B 71 22.27 15.12 3.16
C LEU B 71 21.47 13.79 3.23
N GLU B 72 22.10 12.73 3.65
CA GLU B 72 21.43 11.44 3.89
C GLU B 72 20.92 10.76 2.63
N LEU B 73 21.53 11.13 1.47
CA LEU B 73 21.24 10.44 0.22
C LEU B 73 22.48 9.82 -0.33
N THR B 74 22.33 8.61 -0.89
CA THR B 74 23.40 7.98 -1.69
C THR B 74 22.94 7.67 -3.08
N LEU B 75 23.66 8.22 -4.04
CA LEU B 75 23.39 7.97 -5.43
C LEU B 75 24.18 6.75 -5.78
N ILE B 76 23.53 5.78 -6.39
CA ILE B 76 24.19 4.58 -6.82
C ILE B 76 24.01 4.32 -8.32
N THR B 77 25.10 3.89 -8.95
CA THR B 77 25.07 3.58 -10.34
C THR B 77 25.08 2.06 -10.45
N LEU B 78 24.10 1.53 -11.16
CA LEU B 78 23.89 0.09 -11.20
C LEU B 78 24.33 -0.57 -12.52
N ASP B 79 24.85 -1.78 -12.41
CA ASP B 79 25.24 -2.59 -13.57
C ASP B 79 23.98 -3.29 -14.05
N THR B 80 23.11 -2.53 -14.70
CA THR B 80 21.85 -3.14 -15.08
C THR B 80 21.72 -3.17 -16.57
N ASN B 81 20.93 -4.13 -17.05
CA ASN B 81 20.55 -4.15 -18.45
C ASN B 81 19.64 -2.97 -18.68
N GLU B 82 18.74 -2.79 -17.73
CA GLU B 82 17.63 -1.83 -17.80
C GLU B 82 18.06 -0.38 -17.63
N LYS B 83 17.33 0.50 -18.29
CA LYS B 83 17.36 1.93 -18.01
C LYS B 83 16.06 2.24 -17.30
N PHE B 84 16.12 3.00 -16.21
CA PHE B 84 14.90 3.41 -15.56
C PHE B 84 14.17 4.38 -16.44
N ARG B 85 12.86 4.33 -16.37
CA ARG B 85 12.05 5.45 -16.84
C ARG B 85 12.58 6.74 -16.23
N ASP B 86 12.87 7.73 -17.06
CA ASP B 86 13.43 8.98 -16.56
C ASP B 86 12.32 9.84 -15.92
N ILE B 87 12.41 9.98 -14.59
CA ILE B 87 11.44 10.77 -13.82
C ILE B 87 12.06 12.08 -13.28
N THR B 88 13.19 12.52 -13.83
CA THR B 88 13.82 13.75 -13.36
C THR B 88 12.91 14.99 -13.53
N LYS B 89 12.08 14.98 -14.56
CA LYS B 89 11.19 16.11 -14.79
C LYS B 89 10.13 16.28 -13.68
N PHE B 90 9.81 15.18 -12.98
CA PHE B 90 8.91 15.21 -11.84
C PHE B 90 9.55 15.71 -10.53
N ILE B 91 10.86 15.81 -10.49
CA ILE B 91 11.62 16.24 -9.33
C ILE B 91 11.76 17.75 -9.42
N PRO B 92 11.38 18.50 -8.37
CA PRO B 92 11.56 19.98 -8.44
C PRO B 92 13.04 20.42 -8.51
N GLU B 93 13.26 21.57 -9.10
CA GLU B 93 14.57 22.19 -9.17
C GLU B 93 15.13 22.57 -7.80
N ASN B 94 14.26 22.90 -6.85
CA ASN B 94 14.67 23.15 -5.50
C ASN B 94 13.79 22.39 -4.52
N ILE B 95 14.28 22.23 -3.31
CA ILE B 95 13.52 21.45 -2.34
C ILE B 95 12.21 22.15 -2.04
N SER B 96 11.11 21.42 -2.20
CA SER B 96 9.78 21.99 -2.23
C SER B 96 8.85 21.28 -1.26
N THR B 97 8.04 22.10 -0.60
CA THR B 97 6.97 21.66 0.24
C THR B 97 5.80 21.19 -0.53
N ALA B 98 4.82 20.60 0.19
CA ALA B 98 3.58 20.12 -0.44
C ALA B 98 2.42 19.98 0.52
N SER B 99 1.22 19.95 -0.06
CA SER B 99 0.02 19.72 0.69
C SER B 99 -0.45 18.29 0.47
N ASP B 100 -0.90 17.64 1.54
CA ASP B 100 -1.57 16.34 1.41
C ASP B 100 -0.74 15.36 0.59
N ALA B 101 0.50 15.18 1.00
CA ALA B 101 1.41 14.24 0.32
C ALA B 101 1.15 12.80 0.72
N THR B 102 1.60 11.89 -0.13
CA THR B 102 1.53 10.47 0.10
C THR B 102 2.95 9.88 0.04
N LEU B 103 3.28 9.12 1.08
CA LEU B 103 4.54 8.38 1.11
C LEU B 103 4.28 6.99 0.46
N VAL B 104 5.04 6.71 -0.57
CA VAL B 104 4.98 5.42 -1.30
C VAL B 104 6.19 4.56 -0.92
N ILE B 105 5.88 3.44 -0.28
CA ILE B 105 6.86 2.48 0.22
C ILE B 105 6.74 1.18 -0.56
N ASN B 106 7.91 0.58 -0.91
CA ASN B 106 7.93 -0.69 -1.60
C ASN B 106 9.11 -1.53 -1.11
N THR B 107 8.81 -2.43 -0.20
CA THR B 107 9.78 -3.29 0.43
C THR B 107 9.15 -4.69 0.46
N GLU B 108 9.97 -5.72 0.60
CA GLU B 108 9.42 -7.11 0.76
C GLU B 108 8.43 -7.21 1.90
N HIS B 109 8.72 -6.49 2.95
CA HIS B 109 7.86 -6.46 4.14
C HIS B 109 6.65 -5.52 4.06
N MET B 110 6.80 -4.49 3.26
CA MET B 110 5.80 -3.43 3.03
C MET B 110 5.72 -3.13 1.56
N PRO B 111 5.13 -4.04 0.83
CA PRO B 111 5.00 -3.89 -0.59
C PRO B 111 3.90 -3.00 -0.95
N SER B 112 4.14 -2.17 -1.95
CA SER B 112 3.10 -1.28 -2.50
C SER B 112 2.24 -0.54 -1.47
N MET B 113 2.95 0.04 -0.51
CA MET B 113 2.36 0.64 0.65
C MET B 113 2.20 2.16 0.48
N PHE B 114 1.01 2.61 0.76
CA PHE B 114 0.60 4.00 0.62
C PHE B 114 0.26 4.60 1.94
N VAL B 115 0.99 5.63 2.32
CA VAL B 115 0.85 6.22 3.70
C VAL B 115 0.51 7.72 3.61
N PRO B 116 -0.64 8.13 4.14
CA PRO B 116 -1.05 9.53 3.95
C PRO B 116 -0.40 10.45 4.97
N VAL B 117 0.76 10.96 4.63
CA VAL B 117 1.58 11.69 5.64
C VAL B 117 1.09 13.12 5.84
N GLY B 118 0.32 13.63 4.88
CA GLY B 118 -0.26 14.95 5.02
C GLY B 118 0.67 16.01 4.48
N ASP B 119 0.53 17.24 4.97
CA ASP B 119 1.37 18.29 4.46
C ASP B 119 2.80 18.12 4.82
N VAL B 120 3.64 18.48 3.88
CA VAL B 120 5.09 18.39 4.03
C VAL B 120 5.69 19.74 4.13
N VAL B 121 6.36 20.00 5.23
CA VAL B 121 6.84 21.37 5.50
C VAL B 121 8.35 21.45 5.59
N GLN B 122 8.85 22.64 5.30
CA GLN B 122 10.28 22.86 5.39
C GLN B 122 10.73 22.61 6.81
N TYR B 123 11.83 21.91 6.98
CA TYR B 123 12.40 21.65 8.31
C TYR B 123 13.86 22.07 8.40
N GLY B 124 14.64 21.85 7.36
CA GLY B 124 16.07 22.11 7.41
C GLY B 124 16.93 21.19 8.25
N PHE B 125 17.58 21.73 9.29
CA PHE B 125 18.48 20.95 10.10
C PHE B 125 17.76 19.87 10.91
N LEU B 126 18.32 18.67 10.92
CA LEU B 126 17.82 17.59 11.74
C LEU B 126 18.97 16.78 12.27
N ASN B 127 18.96 16.46 13.55
CA ASN B 127 19.99 15.60 14.06
C ASN B 127 19.42 14.19 14.09
N LEU B 128 19.85 13.37 13.15
CA LEU B 128 19.28 12.07 12.94
C LEU B 128 20.23 11.01 13.48
N SER B 129 19.84 10.36 14.58
CA SER B 129 20.65 9.32 15.17
C SER B 129 22.08 9.79 15.39
N GLY B 130 22.21 11.04 15.84
CA GLY B 130 23.52 11.62 16.18
C GLY B 130 24.28 12.20 14.99
N LYS B 131 23.68 12.14 13.79
CA LYS B 131 24.30 12.67 12.58
C LYS B 131 23.59 13.95 12.09
N PRO B 132 24.27 15.08 12.18
CA PRO B 132 23.72 16.29 11.70
C PRO B 132 23.44 16.20 10.21
N THR B 133 22.25 16.66 9.81
CA THR B 133 21.73 16.46 8.47
C THR B 133 21.04 17.72 8.07
N HIS B 134 21.27 18.15 6.83
CA HIS B 134 20.58 19.27 6.26
C HIS B 134 19.57 18.92 5.19
N ARG B 135 18.80 19.95 4.85
CA ARG B 135 17.85 19.92 3.75
C ARG B 135 16.69 18.92 3.90
N THR B 136 16.28 18.71 5.15
CA THR B 136 15.18 17.83 5.51
C THR B 136 13.84 18.57 5.46
N MET B 137 12.80 17.81 5.19
CA MET B 137 11.42 18.25 5.33
C MET B 137 10.72 17.33 6.34
N MET B 138 9.56 17.79 6.87
CA MET B 138 8.86 17.08 7.94
C MET B 138 7.38 16.89 7.63
N TYR B 139 6.86 15.77 8.08
CA TYR B 139 5.42 15.51 8.03
C TYR B 139 4.98 15.01 9.41
N ASN B 140 3.79 15.44 9.80
CA ASN B 140 3.21 15.07 11.10
C ASN B 140 2.53 13.75 11.05
N PHE B 141 3.37 12.71 10.93
CA PHE B 141 2.88 11.37 10.82
C PHE B 141 3.92 10.42 11.47
N PRO B 142 3.47 9.50 12.29
CA PRO B 142 4.45 8.66 13.05
C PRO B 142 4.91 7.47 12.21
N THR B 143 5.81 7.75 11.26
CA THR B 143 6.45 6.76 10.42
C THR B 143 7.29 5.76 11.25
N LYS B 144 7.55 4.60 10.65
CA LYS B 144 8.13 3.49 11.35
C LYS B 144 9.40 2.99 10.70
N ALA B 145 10.07 2.14 11.44
CA ALA B 145 11.22 1.44 10.90
C ALA B 145 10.73 0.64 9.67
N GLY B 146 11.62 0.50 8.71
CA GLY B 146 11.32 -0.26 7.51
C GLY B 146 10.78 0.60 6.37
N GLN B 147 10.57 1.90 6.63
CA GLN B 147 9.93 2.79 5.67
C GLN B 147 10.90 3.74 5.00
N CYS B 148 12.17 3.60 5.33
CA CYS B 148 13.19 4.46 4.76
C CYS B 148 13.39 4.16 3.31
N GLY B 149 13.57 5.24 2.56
CA GLY B 149 13.67 5.13 1.10
C GLY B 149 12.35 5.41 0.46
N GLY B 150 11.29 5.37 1.28
CA GLY B 150 9.97 5.70 0.83
C GLY B 150 9.91 7.01 0.11
N VAL B 151 9.12 7.05 -0.96
CA VAL B 151 9.11 8.22 -1.83
C VAL B 151 7.92 9.13 -1.48
N VAL B 152 8.27 10.36 -1.16
CA VAL B 152 7.30 11.40 -0.84
C VAL B 152 6.77 12.02 -2.14
N THR B 153 5.46 11.93 -2.37
CA THR B 153 4.90 12.38 -3.64
C THR B 153 3.61 13.21 -3.42
N SER B 154 3.39 14.19 -4.31
CA SER B 154 2.15 14.96 -4.29
C SER B 154 1.88 15.58 -5.65
N VAL B 155 0.70 15.34 -6.21
CA VAL B 155 0.27 15.94 -7.46
C VAL B 155 1.33 15.89 -8.56
N GLY B 156 1.88 14.73 -8.82
CA GLY B 156 2.76 14.52 -9.95
C GLY B 156 4.18 14.95 -9.70
N LYS B 157 4.54 15.25 -8.45
CA LYS B 157 5.86 15.63 -8.09
C LYS B 157 6.48 14.67 -7.10
N VAL B 158 7.79 14.48 -7.26
CA VAL B 158 8.58 13.56 -6.43
C VAL B 158 9.55 14.37 -5.62
N ILE B 159 9.22 14.57 -4.35
CA ILE B 159 9.84 15.68 -3.60
C ILE B 159 10.78 15.30 -2.45
N GLY B 160 10.75 14.03 -1.99
CA GLY B 160 11.62 13.63 -0.92
C GLY B 160 11.81 12.12 -0.79
N ILE B 161 12.80 11.75 -0.02
CA ILE B 161 13.04 10.34 0.33
C ILE B 161 12.95 10.18 1.84
N HIS B 162 12.15 9.24 2.32
CA HIS B 162 12.04 9.06 3.74
C HIS B 162 13.34 8.61 4.39
N ILE B 163 13.75 9.31 5.45
CA ILE B 163 14.99 9.02 6.13
C ILE B 163 14.86 8.76 7.66
N GLY B 164 13.79 9.20 8.30
CA GLY B 164 13.74 9.05 9.77
C GLY B 164 12.42 9.45 10.38
N GLY B 165 12.31 9.24 11.66
CA GLY B 165 11.12 9.61 12.44
C GLY B 165 11.37 9.43 13.93
N ASN B 166 10.64 10.21 14.73
CA ASN B 166 10.92 10.30 16.19
C ASN B 166 9.82 9.69 17.01
N GLY B 167 8.93 8.98 16.29
CA GLY B 167 7.80 8.32 16.91
C GLY B 167 6.54 9.17 16.85
N ARG B 168 6.65 10.45 16.50
CA ARG B 168 5.50 11.33 16.35
C ARG B 168 5.39 11.93 14.97
N GLN B 169 6.56 12.25 14.40
CA GLN B 169 6.67 12.89 13.11
C GLN B 169 7.73 12.17 12.28
N GLY B 170 7.76 12.48 11.00
CA GLY B 170 8.60 11.79 10.00
C GLY B 170 9.38 12.81 9.23
N PHE B 171 10.52 12.39 8.70
CA PHE B 171 11.37 13.30 8.00
C PHE B 171 11.90 12.69 6.74
N CYS B 172 12.02 13.53 5.72
CA CYS B 172 12.63 13.15 4.45
C CYS B 172 13.81 14.00 4.11
N ALA B 173 14.75 13.40 3.36
CA ALA B 173 15.74 14.19 2.66
C ALA B 173 15.09 14.87 1.45
N GLY B 174 15.22 16.17 1.31
CA GLY B 174 14.56 16.84 0.22
C GLY B 174 15.22 16.49 -1.14
N LEU B 175 14.42 16.37 -2.20
CA LEU B 175 14.96 16.14 -3.53
C LEU B 175 15.00 17.40 -4.41
N LYS B 176 16.11 17.55 -5.11
CA LYS B 176 16.22 18.53 -6.16
C LYS B 176 16.87 17.94 -7.41
N ARG B 177 16.44 18.49 -8.54
CA ARG B 177 16.75 17.92 -9.87
C ARG B 177 18.21 17.84 -10.08
N SER B 178 18.96 18.83 -9.59
CA SER B 178 20.40 18.89 -9.79
C SER B 178 21.23 17.72 -9.24
N TYR B 179 20.72 17.03 -8.22
CA TYR B 179 21.36 15.85 -7.68
C TYR B 179 21.58 14.79 -8.74
N PHE B 180 20.66 14.79 -9.71
CA PHE B 180 20.56 13.72 -10.73
C PHE B 180 21.04 14.16 -12.11
N ALA B 181 21.55 15.39 -12.18
CA ALA B 181 22.20 15.88 -13.40
C ALA B 181 23.46 15.04 -13.61
O1 GHX C . -5.55 -15.32 -4.21
C34 GHX C . -4.92 -16.31 -3.87
N33 GHX C . -3.85 -16.76 -4.39
C32 GHX C . -3.32 -17.96 -3.75
C31 GHX C . -4.20 -18.05 -2.47
C30 GHX C . -5.41 -17.16 -2.75
C29 GHX C . -5.85 -16.23 -1.60
C26 GHX C . -6.37 -16.92 -0.36
C27 GHX C . -6.81 -15.92 0.74
O28 GHX C . -7.15 -16.85 1.73
N24 GHX C . -7.52 -17.79 -0.67
C23 GHX C . -7.34 -19.13 -0.75
O25 GHX C . -6.27 -19.69 -0.61
C15 GHX C . -8.57 -19.92 -1.03
C16 GHX C . -9.10 -20.41 0.33
C17 GHX C . -10.49 -21.04 0.38
C22 GHX C . -10.65 -22.26 1.02
C21 GHX C . -11.89 -22.85 1.11
C20 GHX C . -13.00 -22.24 0.55
C19 GHX C . -12.86 -21.01 -0.07
C18 GHX C . -11.59 -20.40 -0.14
N13 GHX C . -8.35 -21.07 -1.89
C12 GHX C . -7.88 -20.89 -3.12
O14 GHX C . -7.58 -19.78 -3.58
O11 GHX C . -7.67 -22.08 -3.96
C10 GHX C . -6.97 -21.92 -5.21
C1 GHX C . -7.94 -21.80 -6.39
C6 GHX C . -8.83 -20.74 -6.49
C5 GHX C . -9.73 -20.62 -7.57
C4 GHX C . -9.75 -21.57 -8.58
C3 GHX C . -8.83 -22.63 -8.50
C2 GHX C . -7.94 -22.74 -7.42
O1 GHX D . 10.37 6.64 10.35
C34 GHX D . 10.98 6.15 11.33
N33 GHX D . 10.50 5.90 12.51
C32 GHX D . 11.36 5.09 13.35
C31 GHX D . 12.49 4.72 12.34
C30 GHX D . 12.44 5.75 11.25
C29 GHX D . 12.80 5.31 9.83
C26 GHX D . 14.15 4.62 9.65
C27 GHX D . 14.39 4.11 8.23
O28 GHX D . 15.70 3.70 8.21
N24 GHX D . 15.25 5.57 9.89
C23 GHX D . 16.01 5.48 11.00
O25 GHX D . 15.87 4.66 11.89
C15 GHX D . 17.10 6.49 11.11
C16 GHX D . 18.40 5.79 10.80
C17 GHX D . 19.63 6.65 10.74
C22 GHX D . 20.76 6.28 11.46
C21 GHX D . 21.91 7.04 11.38
C20 GHX D . 21.92 8.19 10.60
C19 GHX D . 20.82 8.54 9.86
C18 GHX D . 19.65 7.74 9.97
N13 GHX D . 17.25 7.03 12.46
C12 GHX D . 16.18 7.60 13.03
O14 GHX D . 15.01 7.74 12.53
O11 GHX D . 16.42 8.09 14.37
C10 GHX D . 15.29 8.46 15.14
C1 GHX D . 15.21 10.00 15.09
C6 GHX D . 14.57 10.66 14.04
C5 GHX D . 14.52 12.06 14.04
C4 GHX D . 15.12 12.82 15.05
C3 GHX D . 15.77 12.15 16.08
C2 GHX D . 15.81 10.76 16.11
#